data_3E0I
#
_entry.id   3E0I
#
_cell.length_a   84.789
_cell.length_b   84.789
_cell.length_c   159.902
_cell.angle_alpha   90.00
_cell.angle_beta   90.00
_cell.angle_gamma   120.00
#
_symmetry.space_group_name_H-M   'P 31 2 1'
#
loop_
_entity.id
_entity.type
_entity.pdbx_description
1 polymer '2-dehydro-3-deoxyphosphooctonate aldolase'
2 non-polymer 'COPPER (II) ION'
3 non-polymer 'PHOSPHATE ION'
4 non-polymer PHOSPHOENOLPYRUVATE
5 water water
#
_entity_poly.entity_id   1
_entity_poly.type   'polypeptide(L)'
_entity_poly.pdbx_seq_one_letter_code
;MEKFLVIAGPCAIESEELLLKVGEEIKRLSEKFKEVEFVFKSSFDKANRSSIHSFRGHGLEYGVKALRKVKEEFGLKITT
DIHESWQAEPVAEVADIIQIPAFLCRQTDLLLAAAKTGRAVNVKKGQFLAPWDTKNVVEKLKFGGAKEIYLTERGTTFGY
NNLVVDFRSLPIMKQWAKVIYDATHSVQLPGGLGDKSGGMREFIFPLIRAAVAVGCDGVFMETHPEPEKALSDASTQLPL
SQLEGIIEAILEIREVASKYYETIPVK
;
_entity_poly.pdbx_strand_id   A,B
#
loop_
_chem_comp.id
_chem_comp.type
_chem_comp.name
_chem_comp.formula
CU non-polymer 'COPPER (II) ION' 'Cu 2'
PEP non-polymer PHOSPHOENOLPYRUVATE 'C3 H5 O6 P'
PO4 non-polymer 'PHOSPHATE ION' 'O4 P -3'
#
# COMPACT_ATOMS: atom_id res chain seq x y z
N GLU A 2 -7.51 -4.03 29.84
CA GLU A 2 -6.16 -3.62 30.38
C GLU A 2 -5.31 -4.83 30.78
N LYS A 3 -5.90 -6.00 30.61
CA LYS A 3 -5.13 -7.15 30.24
C LYS A 3 -4.25 -6.77 29.04
N PHE A 4 -2.98 -7.09 29.10
CA PHE A 4 -2.10 -6.86 27.97
C PHE A 4 -2.32 -7.86 26.86
N LEU A 5 -2.31 -7.40 25.60
CA LEU A 5 -2.53 -8.33 24.47
C LEU A 5 -1.23 -8.89 23.99
N VAL A 6 -1.15 -10.20 23.80
CA VAL A 6 -0.05 -10.77 22.99
C VAL A 6 -0.62 -11.47 21.77
N ILE A 7 -0.40 -10.90 20.57
CA ILE A 7 -0.78 -11.54 19.33
C ILE A 7 0.41 -12.33 18.81
N ALA A 8 0.28 -13.65 18.64
CA ALA A 8 1.42 -14.44 18.24
C ALA A 8 1.02 -15.63 17.40
N GLY A 9 1.92 -16.13 16.57
CA GLY A 9 1.61 -17.32 15.72
C GLY A 9 2.56 -17.29 14.56
N PRO A 10 2.53 -18.33 13.70
CA PRO A 10 3.41 -18.37 12.55
C PRO A 10 2.92 -17.40 11.46
N CYS A 11 3.86 -16.75 10.78
CA CYS A 11 3.53 -15.73 9.76
C CYS A 11 2.46 -16.20 8.78
N ALA A 12 2.70 -17.39 8.22
CA ALA A 12 1.82 -17.99 7.22
C ALA A 12 1.29 -19.34 7.63
N ILE A 13 0.10 -19.69 7.12
CA ILE A 13 -0.54 -20.97 7.45
C ILE A 13 0.17 -22.03 6.54
N GLU A 14 1.35 -22.48 6.97
CA GLU A 14 2.13 -23.43 6.14
C GLU A 14 1.42 -24.79 6.07
N SER A 15 0.76 -25.12 7.16
CA SER A 15 -0.12 -26.27 7.26
C SER A 15 -0.93 -26.18 8.50
N GLU A 16 -2.05 -26.89 8.56
CA GLU A 16 -2.80 -27.05 9.79
C GLU A 16 -1.93 -27.64 10.91
N GLU A 17 -1.07 -28.61 10.58
CA GLU A 17 -0.19 -29.18 11.59
C GLU A 17 0.74 -28.17 12.29
N LEU A 18 1.33 -27.28 11.49
CA LEU A 18 2.12 -26.20 12.03
C LEU A 18 1.30 -25.40 13.00
N LEU A 19 0.10 -25.02 12.59
CA LEU A 19 -0.74 -24.18 13.46
C LEU A 19 -0.99 -24.86 14.81
N LEU A 20 -1.23 -26.17 14.79
CA LEU A 20 -1.61 -26.84 16.02
C LEU A 20 -0.40 -26.97 16.92
N LYS A 21 0.78 -27.10 16.33
CA LYS A 21 2.00 -27.15 17.13
C LYS A 21 2.27 -25.83 17.85
N VAL A 22 2.13 -24.72 17.14
CA VAL A 22 2.33 -23.39 17.76
C VAL A 22 1.20 -23.12 18.73
N GLY A 23 -0.02 -23.49 18.35
CA GLY A 23 -1.20 -23.32 19.20
C GLY A 23 -1.05 -24.00 20.57
N GLU A 24 -0.51 -25.21 20.58
CA GLU A 24 -0.35 -25.92 21.82
C GLU A 24 0.56 -25.15 22.79
N GLU A 25 1.64 -24.57 22.26
CA GLU A 25 2.52 -23.73 23.09
C GLU A 25 1.84 -22.41 23.52
N ILE A 26 1.16 -21.71 22.59
CA ILE A 26 0.47 -20.50 23.07
C ILE A 26 -0.61 -20.84 24.11
N LYS A 27 -1.33 -21.96 23.98
CA LYS A 27 -2.27 -22.37 25.00
C LYS A 27 -1.54 -22.56 26.34
N ARG A 28 -0.39 -23.25 26.30
CA ARG A 28 0.36 -23.48 27.54
C ARG A 28 0.74 -22.16 28.22
N LEU A 29 1.24 -21.22 27.41
CA LEU A 29 1.60 -19.90 27.94
C LEU A 29 0.38 -19.10 28.45
N SER A 30 -0.77 -19.26 27.79
CA SER A 30 -1.99 -18.59 28.24
C SER A 30 -2.43 -19.07 29.64
N GLU A 31 -2.06 -20.31 29.99
CA GLU A 31 -2.46 -20.82 31.29
C GLU A 31 -1.48 -20.33 32.39
N LYS A 32 -0.24 -20.07 31.99
CA LYS A 32 0.77 -19.46 32.90
C LYS A 32 0.56 -17.98 33.11
N PHE A 33 0.56 -17.25 31.99
CA PHE A 33 0.42 -15.79 32.03
C PHE A 33 -1.04 -15.40 31.98
N LYS A 34 -1.75 -15.67 33.08
CA LYS A 34 -3.17 -15.38 33.17
C LYS A 34 -3.53 -13.87 32.97
N GLU A 35 -2.58 -12.95 33.15
CA GLU A 35 -2.82 -11.50 33.01
C GLU A 35 -2.73 -11.04 31.55
N VAL A 36 -2.39 -11.96 30.66
CA VAL A 36 -2.33 -11.67 29.23
C VAL A 36 -3.52 -12.20 28.45
N GLU A 37 -4.01 -11.42 27.48
CA GLU A 37 -4.98 -11.93 26.53
CA GLU A 37 -4.97 -11.94 26.52
C GLU A 37 -4.21 -12.40 25.30
N PHE A 38 -4.13 -13.69 25.05
CA PHE A 38 -3.43 -14.21 23.87
C PHE A 38 -4.36 -14.24 22.68
N VAL A 39 -3.86 -13.85 21.51
CA VAL A 39 -4.63 -13.98 20.28
C VAL A 39 -3.74 -14.70 19.26
N PHE A 40 -4.21 -15.80 18.71
CA PHE A 40 -3.44 -16.56 17.79
C PHE A 40 -3.52 -15.97 16.40
N LYS A 41 -2.37 -15.68 15.80
CA LYS A 41 -2.30 -15.12 14.41
C LYS A 41 -1.69 -16.05 13.39
N SER A 42 -2.29 -16.12 12.19
CA SER A 42 -1.59 -16.72 11.04
C SER A 42 -2.33 -16.27 9.77
N SER A 43 -1.58 -16.00 8.71
CA SER A 43 -2.14 -15.48 7.47
C SER A 43 -2.56 -16.61 6.54
N PHE A 44 -3.81 -16.61 6.05
CA PHE A 44 -4.20 -17.62 5.01
C PHE A 44 -3.62 -17.30 3.63
N ASP A 45 -3.14 -16.06 3.43
CA ASP A 45 -2.52 -15.64 2.16
C ASP A 45 -1.50 -14.54 2.39
N LYS A 46 -0.29 -14.77 1.88
CA LYS A 46 0.74 -13.73 1.74
C LYS A 46 0.50 -13.09 0.39
N ALA A 47 -0.40 -12.10 0.39
CA ALA A 47 -0.93 -11.51 -0.88
C ALA A 47 -0.03 -10.46 -1.53
N ASN A 48 1.07 -10.10 -0.83
CA ASN A 48 1.90 -8.96 -1.16
C ASN A 48 3.38 -9.37 -1.21
N ARG A 49 3.70 -10.65 -1.50
CA ARG A 49 5.10 -11.03 -1.53
C ARG A 49 5.87 -10.25 -2.59
N SER A 50 7.18 -10.10 -2.41
CA SER A 50 7.97 -9.40 -3.43
C SER A 50 7.98 -10.22 -4.73
N SER A 51 8.15 -11.54 -4.62
CA SER A 51 8.33 -12.36 -5.82
C SER A 51 7.14 -13.24 -6.13
N ILE A 52 6.81 -13.34 -7.42
CA ILE A 52 5.79 -14.26 -7.92
C ILE A 52 6.17 -15.70 -7.53
N HIS A 53 7.46 -15.95 -7.27
CA HIS A 53 7.90 -17.35 -6.94
C HIS A 53 7.72 -17.77 -5.46
N SER A 54 7.42 -16.78 -4.62
CA SER A 54 7.37 -17.05 -3.19
C SER A 54 6.04 -17.67 -2.70
N PHE A 55 6.11 -18.38 -1.58
CA PHE A 55 4.92 -19.01 -0.98
C PHE A 55 3.88 -17.98 -0.64
N ARG A 56 2.66 -18.27 -1.06
CA ARG A 56 1.49 -17.46 -0.67
C ARG A 56 0.57 -18.17 0.34
N GLY A 57 0.27 -19.45 0.11
CA GLY A 57 -0.57 -20.15 1.08
C GLY A 57 -1.46 -21.15 0.38
N HIS A 58 -2.38 -21.71 1.15
CA HIS A 58 -3.22 -22.79 0.67
C HIS A 58 -4.67 -22.40 0.43
N GLY A 59 -4.93 -21.09 0.33
CA GLY A 59 -6.28 -20.62 0.06
C GLY A 59 -7.05 -20.24 1.30
N LEU A 60 -8.04 -19.34 1.12
CA LEU A 60 -8.88 -18.88 2.22
C LEU A 60 -9.63 -20.04 2.89
N GLU A 61 -10.22 -20.97 2.11
CA GLU A 61 -11.00 -22.01 2.78
CA GLU A 61 -11.00 -22.05 2.73
C GLU A 61 -10.14 -22.90 3.67
N TYR A 62 -8.96 -23.29 3.18
CA TYR A 62 -8.11 -24.15 3.97
C TYR A 62 -7.66 -23.43 5.23
N GLY A 63 -7.33 -22.15 5.05
CA GLY A 63 -6.81 -21.32 6.17
C GLY A 63 -7.83 -21.11 7.27
N VAL A 64 -9.07 -20.75 6.89
CA VAL A 64 -10.13 -20.54 7.89
C VAL A 64 -10.37 -21.86 8.63
N LYS A 65 -10.36 -22.98 7.89
CA LYS A 65 -10.59 -24.29 8.52
C LYS A 65 -9.51 -24.60 9.53
N ALA A 66 -8.27 -24.27 9.16
CA ALA A 66 -7.14 -24.51 10.06
C ALA A 66 -7.22 -23.62 11.30
N LEU A 67 -7.53 -22.32 11.10
CA LEU A 67 -7.74 -21.41 12.26
C LEU A 67 -8.86 -21.86 13.16
N ARG A 68 -9.93 -22.39 12.57
CA ARG A 68 -11.08 -22.87 13.33
C ARG A 68 -10.63 -24.06 14.18
N LYS A 69 -9.71 -24.89 13.66
CA LYS A 69 -9.23 -26.06 14.40
C LYS A 69 -8.41 -25.60 15.62
N VAL A 70 -7.67 -24.53 15.44
CA VAL A 70 -6.95 -23.93 16.60
C VAL A 70 -7.93 -23.42 17.66
N LYS A 71 -8.94 -22.67 17.25
CA LYS A 71 -9.89 -22.12 18.21
C LYS A 71 -10.59 -23.26 18.94
N GLU A 72 -10.97 -24.30 18.20
CA GLU A 72 -11.75 -25.41 18.75
CA GLU A 72 -11.79 -25.35 18.83
C GLU A 72 -10.91 -26.25 19.71
N GLU A 73 -9.69 -26.52 19.31
CA GLU A 73 -8.83 -27.43 20.09
C GLU A 73 -8.31 -26.74 21.34
N PHE A 74 -7.94 -25.46 21.21
CA PHE A 74 -7.30 -24.74 22.32
C PHE A 74 -8.08 -23.59 22.95
N GLY A 75 -9.22 -23.20 22.39
CA GLY A 75 -10.02 -22.15 23.01
C GLY A 75 -9.31 -20.81 22.89
N LEU A 76 -8.47 -20.65 21.85
CA LEU A 76 -7.77 -19.38 21.65
C LEU A 76 -8.55 -18.45 20.75
N LYS A 77 -8.51 -17.14 21.05
CA LYS A 77 -8.96 -16.11 20.07
C LYS A 77 -8.09 -16.16 18.85
N ILE A 78 -8.65 -15.69 17.73
CA ILE A 78 -8.02 -15.79 16.43
C ILE A 78 -7.93 -14.46 15.73
N THR A 79 -6.80 -14.20 15.05
CA THR A 79 -6.73 -13.06 14.11
C THR A 79 -6.07 -13.50 12.81
N THR A 80 -6.54 -12.92 11.71
CA THR A 80 -5.90 -13.11 10.40
C THR A 80 -6.21 -11.87 9.57
N ASP A 81 -5.44 -11.71 8.49
CA ASP A 81 -5.52 -10.46 7.68
C ASP A 81 -6.35 -10.70 6.41
N ILE A 82 -7.07 -9.65 5.98
CA ILE A 82 -7.82 -9.68 4.72
C ILE A 82 -7.21 -8.73 3.70
N HIS A 83 -7.49 -9.02 2.40
CA HIS A 83 -6.77 -8.38 1.29
C HIS A 83 -7.71 -7.72 0.29
N GLU A 84 -8.95 -8.19 0.25
CA GLU A 84 -9.99 -7.60 -0.59
C GLU A 84 -11.29 -7.69 0.17
N SER A 85 -12.24 -6.78 -0.11
CA SER A 85 -13.44 -6.59 0.72
C SER A 85 -14.26 -7.86 0.88
N TRP A 86 -14.36 -8.64 -0.20
CA TRP A 86 -15.18 -9.87 -0.15
C TRP A 86 -14.72 -10.87 0.91
N GLN A 87 -13.45 -10.80 1.30
CA GLN A 87 -12.93 -11.74 2.32
C GLN A 87 -13.39 -11.45 3.74
N ALA A 88 -13.88 -10.23 4.04
CA ALA A 88 -14.25 -9.88 5.44
C ALA A 88 -15.30 -10.85 5.98
N GLU A 89 -16.39 -11.05 5.22
CA GLU A 89 -17.46 -11.90 5.74
C GLU A 89 -17.01 -13.35 6.08
N PRO A 90 -16.39 -14.12 5.14
CA PRO A 90 -16.00 -15.50 5.50
C PRO A 90 -14.98 -15.51 6.64
N VAL A 91 -14.08 -14.54 6.62
CA VAL A 91 -13.05 -14.51 7.67
C VAL A 91 -13.65 -14.20 9.05
N ALA A 92 -14.68 -13.35 9.11
CA ALA A 92 -15.27 -12.97 10.37
C ALA A 92 -15.92 -14.19 11.04
N GLU A 93 -16.16 -15.24 10.28
CA GLU A 93 -16.79 -16.43 10.87
C GLU A 93 -15.87 -17.06 11.94
N VAL A 94 -14.57 -16.85 11.79
CA VAL A 94 -13.56 -17.44 12.71
C VAL A 94 -12.75 -16.38 13.45
N ALA A 95 -12.49 -15.26 12.78
CA ALA A 95 -11.57 -14.28 13.39
C ALA A 95 -12.23 -13.36 14.41
N ASP A 96 -11.67 -13.32 15.63
CA ASP A 96 -12.07 -12.34 16.62
C ASP A 96 -11.58 -10.94 16.29
N ILE A 97 -10.39 -10.86 15.71
CA ILE A 97 -9.81 -9.61 15.26
C ILE A 97 -9.48 -9.74 13.80
N ILE A 98 -10.04 -8.84 13.00
CA ILE A 98 -9.68 -8.78 11.57
C ILE A 98 -8.54 -7.79 11.36
N GLN A 99 -7.44 -8.29 10.79
CA GLN A 99 -6.24 -7.47 10.54
C GLN A 99 -6.24 -6.86 9.15
N ILE A 100 -5.87 -5.59 9.10
CA ILE A 100 -5.78 -4.83 7.86
C ILE A 100 -4.29 -4.67 7.52
N PRO A 101 -3.81 -5.22 6.39
CA PRO A 101 -2.38 -5.10 6.07
C PRO A 101 -1.88 -3.63 5.91
N ALA A 102 -0.59 -3.45 6.16
CA ALA A 102 0.06 -2.12 6.17
C ALA A 102 -0.10 -1.41 4.86
N PHE A 103 0.11 -2.14 3.74
CA PHE A 103 -0.05 -1.46 2.45
C PHE A 103 -1.52 -1.05 2.16
N LEU A 104 -2.45 -1.66 2.87
CA LEU A 104 -3.88 -1.48 2.57
C LEU A 104 -4.57 -0.57 3.58
N CYS A 105 -3.77 0.06 4.46
CA CYS A 105 -4.39 0.80 5.60
C CYS A 105 -5.21 2.01 5.17
N ARG A 106 -5.07 2.44 3.90
CA ARG A 106 -5.85 3.57 3.35
C ARG A 106 -7.05 3.15 2.46
N GLN A 107 -7.20 1.84 2.23
CA GLN A 107 -8.26 1.32 1.33
C GLN A 107 -9.60 1.35 2.03
N THR A 108 -10.37 2.41 1.77
CA THR A 108 -11.65 2.64 2.46
C THR A 108 -12.58 1.42 2.45
N ASP A 109 -12.76 0.78 1.29
CA ASP A 109 -13.72 -0.33 1.21
C ASP A 109 -13.28 -1.50 2.06
N LEU A 110 -11.97 -1.74 2.17
CA LEU A 110 -11.49 -2.85 2.97
C LEU A 110 -11.77 -2.59 4.44
N LEU A 111 -11.44 -1.36 4.89
CA LEU A 111 -11.76 -0.94 6.26
C LEU A 111 -13.26 -1.07 6.56
N LEU A 112 -14.09 -0.54 5.67
CA LEU A 112 -15.56 -0.64 5.90
C LEU A 112 -16.03 -2.10 5.94
N ALA A 113 -15.48 -2.93 5.05
CA ALA A 113 -15.82 -4.36 5.00
C ALA A 113 -15.53 -5.04 6.32
N ALA A 114 -14.34 -4.79 6.86
CA ALA A 114 -14.00 -5.30 8.20
C ALA A 114 -14.93 -4.77 9.30
N ALA A 115 -15.16 -3.45 9.29
CA ALA A 115 -15.92 -2.82 10.37
C ALA A 115 -17.36 -3.35 10.51
N LYS A 116 -18.03 -3.61 9.39
CA LYS A 116 -19.48 -3.99 9.45
C LYS A 116 -19.69 -5.43 9.89
N THR A 117 -18.58 -6.19 10.06
CA THR A 117 -18.69 -7.56 10.55
C THR A 117 -19.01 -7.63 12.05
N GLY A 118 -18.79 -6.51 12.77
CA GLY A 118 -18.88 -6.53 14.24
C GLY A 118 -17.65 -7.08 14.98
N ARG A 119 -16.64 -7.52 14.23
CA ARG A 119 -15.38 -7.99 14.81
C ARG A 119 -14.46 -6.79 15.18
N ALA A 120 -13.56 -7.00 16.14
CA ALA A 120 -12.51 -6.03 16.35
C ALA A 120 -11.66 -5.93 15.11
N VAL A 121 -11.09 -4.74 14.93
CA VAL A 121 -10.21 -4.50 13.75
C VAL A 121 -8.85 -3.96 14.18
N ASN A 122 -7.79 -4.60 13.67
CA ASN A 122 -6.44 -4.16 13.89
C ASN A 122 -5.81 -3.74 12.63
N VAL A 123 -5.46 -2.44 12.54
CA VAL A 123 -4.82 -1.93 11.33
C VAL A 123 -3.32 -1.80 11.47
N LYS A 124 -2.57 -2.49 10.62
CA LYS A 124 -1.14 -2.27 10.51
C LYS A 124 -0.86 -0.85 9.97
N LYS A 125 -0.11 -0.01 10.69
CA LYS A 125 0.20 1.32 10.19
C LYS A 125 1.12 1.28 8.96
N GLY A 126 0.63 1.80 7.83
CA GLY A 126 1.45 1.78 6.63
C GLY A 126 2.84 2.37 6.83
N GLN A 127 3.83 1.81 6.13
CA GLN A 127 5.19 2.35 6.17
C GLN A 127 5.34 3.81 5.69
N PHE A 128 4.33 4.29 4.96
CA PHE A 128 4.25 5.61 4.42
C PHE A 128 3.47 6.59 5.29
N LEU A 129 2.85 6.10 6.39
CA LEU A 129 1.95 6.99 7.15
C LEU A 129 2.61 7.64 8.31
N ALA A 130 2.35 8.93 8.54
CA ALA A 130 2.78 9.57 9.78
C ALA A 130 1.85 9.14 10.95
N PRO A 131 2.36 9.14 12.19
CA PRO A 131 1.45 8.66 13.25
C PRO A 131 0.15 9.48 13.39
N TRP A 132 0.24 10.80 13.22
CA TRP A 132 -1.00 11.61 13.34
C TRP A 132 -1.99 11.32 12.18
N ASP A 133 -1.50 10.72 11.09
CA ASP A 133 -2.50 10.46 10.03
C ASP A 133 -3.29 9.17 10.25
N THR A 134 -3.04 8.50 11.40
CA THR A 134 -3.92 7.38 11.75
C THR A 134 -5.24 7.82 12.37
N LYS A 135 -5.37 9.10 12.77
CA LYS A 135 -6.65 9.58 13.29
C LYS A 135 -7.79 9.35 12.28
N ASN A 136 -7.50 9.63 11.00
CA ASN A 136 -8.54 9.43 9.97
C ASN A 136 -8.85 7.94 9.67
N VAL A 137 -7.86 7.06 9.89
CA VAL A 137 -8.07 5.63 9.76
C VAL A 137 -9.09 5.14 10.78
N VAL A 138 -8.86 5.55 12.04
CA VAL A 138 -9.81 5.24 13.13
C VAL A 138 -11.19 5.85 12.81
N GLU A 139 -11.24 7.06 12.30
CA GLU A 139 -12.52 7.69 11.97
C GLU A 139 -13.29 6.84 10.96
N LYS A 140 -12.60 6.37 9.91
CA LYS A 140 -13.25 5.51 8.89
C LYS A 140 -13.85 4.26 9.54
N LEU A 141 -13.05 3.61 10.40
CA LEU A 141 -13.51 2.40 11.09
C LEU A 141 -14.73 2.70 11.98
N LYS A 142 -14.67 3.78 12.77
CA LYS A 142 -15.82 4.15 13.62
C LYS A 142 -17.10 4.41 12.77
N PHE A 143 -16.89 5.09 11.66
CA PHE A 143 -17.96 5.39 10.67
C PHE A 143 -18.59 4.08 10.18
N GLY A 144 -17.74 3.07 9.98
CA GLY A 144 -18.15 1.74 9.46
C GLY A 144 -18.76 0.82 10.52
N GLY A 145 -18.78 1.24 11.80
CA GLY A 145 -19.38 0.44 12.88
C GLY A 145 -18.40 -0.27 13.81
N ALA A 146 -17.10 -0.06 13.62
CA ALA A 146 -16.14 -0.75 14.51
C ALA A 146 -16.18 -0.17 15.91
N LYS A 147 -16.23 -1.02 16.93
CA LYS A 147 -16.22 -0.56 18.33
C LYS A 147 -14.96 -0.90 19.09
N GLU A 148 -14.15 -1.80 18.53
CA GLU A 148 -12.92 -2.18 19.15
C GLU A 148 -11.80 -2.09 18.09
N ILE A 149 -10.95 -1.09 18.21
CA ILE A 149 -9.97 -0.75 17.16
C ILE A 149 -8.57 -0.72 17.71
N TYR A 150 -7.65 -1.38 17.00
CA TYR A 150 -6.24 -1.28 17.31
C TYR A 150 -5.45 -0.73 16.17
N LEU A 151 -4.34 -0.05 16.50
CA LEU A 151 -3.36 0.45 15.51
C LEU A 151 -2.05 -0.22 15.83
N THR A 152 -1.39 -0.80 14.85
CA THR A 152 -0.13 -1.51 15.09
C THR A 152 1.05 -0.79 14.48
N GLU A 153 2.04 -0.47 15.31
CA GLU A 153 3.29 0.06 14.87
C GLU A 153 4.16 -1.03 14.26
N ARG A 154 4.54 -0.85 12.99
CA ARG A 154 5.41 -1.89 12.37
C ARG A 154 6.57 -1.27 11.53
N GLY A 155 6.99 -0.07 11.92
CA GLY A 155 8.13 0.63 11.30
C GLY A 155 7.72 1.54 10.13
N THR A 156 8.61 2.46 9.78
CA THR A 156 8.39 3.47 8.80
C THR A 156 9.53 3.44 7.80
N THR A 157 9.22 3.66 6.52
CA THR A 157 10.26 3.74 5.48
C THR A 157 11.37 4.71 5.81
N PHE A 158 12.62 4.20 5.80
CA PHE A 158 13.77 4.94 6.21
C PHE A 158 14.89 4.71 5.18
N GLY A 159 14.87 5.55 4.15
CA GLY A 159 15.69 5.33 2.94
C GLY A 159 15.20 4.02 2.26
N TYR A 160 16.08 3.38 1.51
CA TYR A 160 15.72 2.16 0.75
C TYR A 160 15.99 0.88 1.53
N ASN A 161 15.07 -0.08 1.43
CA ASN A 161 15.29 -1.42 2.06
C ASN A 161 15.60 -1.34 3.56
N ASN A 162 14.95 -0.40 4.27
CA ASN A 162 15.19 -0.25 5.72
C ASN A 162 13.97 0.37 6.37
N LEU A 163 13.67 -0.04 7.61
CA LEU A 163 12.59 0.59 8.37
C LEU A 163 13.16 1.13 9.66
N VAL A 164 12.56 2.19 10.22
CA VAL A 164 12.91 2.65 11.54
C VAL A 164 11.64 2.62 12.37
N VAL A 165 11.77 2.36 13.69
CA VAL A 165 10.62 2.53 14.57
C VAL A 165 10.75 3.85 15.31
N ASP A 166 9.83 4.77 15.03
CA ASP A 166 9.74 6.03 15.73
C ASP A 166 8.87 5.84 16.94
N PHE A 167 9.48 5.64 18.12
CA PHE A 167 8.61 5.29 19.30
C PHE A 167 7.71 6.44 19.76
N ARG A 168 7.90 7.64 19.22
CA ARG A 168 6.90 8.71 19.48
C ARG A 168 5.52 8.30 18.98
N SER A 169 5.46 7.37 18.00
CA SER A 169 4.17 6.96 17.43
C SER A 169 3.28 6.33 18.48
N LEU A 170 3.85 5.70 19.52
CA LEU A 170 3.00 4.99 20.49
C LEU A 170 2.11 5.98 21.29
N PRO A 171 2.69 6.97 21.97
CA PRO A 171 1.78 7.93 22.65
C PRO A 171 0.88 8.72 21.69
N ILE A 172 1.39 9.00 20.46
CA ILE A 172 0.51 9.76 19.49
C ILE A 172 -0.75 8.95 19.12
N MET A 173 -0.54 7.68 18.75
CA MET A 173 -1.68 6.85 18.29
C MET A 173 -2.63 6.49 19.43
N LYS A 174 -2.10 6.43 20.66
CA LYS A 174 -2.91 6.16 21.86
CA LYS A 174 -2.96 6.10 21.82
C LYS A 174 -4.05 7.18 22.05
N GLN A 175 -3.90 8.36 21.46
CA GLN A 175 -4.99 9.36 21.53
C GLN A 175 -6.29 8.86 20.94
N TRP A 176 -6.26 7.89 20.02
N TRP A 176 -6.20 7.93 19.98
CA TRP A 176 -7.52 7.50 19.34
CA TRP A 176 -7.35 7.54 19.13
C TRP A 176 -7.70 5.98 19.08
C TRP A 176 -7.70 6.03 19.20
N ALA A 177 -6.74 5.16 19.53
CA ALA A 177 -6.99 3.74 19.54
C ALA A 177 -6.06 3.01 20.50
N LYS A 178 -6.34 1.75 20.78
CA LYS A 178 -5.37 0.89 21.48
C LYS A 178 -4.19 0.64 20.55
N VAL A 179 -3.00 0.54 21.13
CA VAL A 179 -1.78 0.48 20.30
C VAL A 179 -1.04 -0.82 20.53
N ILE A 180 -0.69 -1.46 19.42
CA ILE A 180 0.08 -2.70 19.41
C ILE A 180 1.44 -2.48 18.82
N TYR A 181 2.50 -3.09 19.39
CA TYR A 181 3.80 -3.01 18.75
C TYR A 181 4.18 -4.33 18.02
N ASP A 182 4.45 -4.25 16.71
CA ASP A 182 4.82 -5.45 15.90
C ASP A 182 6.33 -5.67 15.98
N ALA A 183 6.72 -6.62 16.81
CA ALA A 183 8.15 -6.81 17.14
C ALA A 183 8.92 -7.46 16.02
N THR A 184 8.23 -8.15 15.10
CA THR A 184 9.03 -8.96 14.21
C THR A 184 9.07 -8.28 12.79
N HIS A 185 7.96 -7.71 12.26
CA HIS A 185 8.09 -7.03 10.95
C HIS A 185 8.87 -5.72 11.05
N SER A 186 8.92 -5.13 12.26
CA SER A 186 9.58 -3.82 12.42
C SER A 186 11.08 -3.90 12.14
N VAL A 187 11.65 -5.09 12.26
CA VAL A 187 13.11 -5.22 12.01
C VAL A 187 13.37 -5.92 10.70
N GLN A 188 12.33 -6.07 9.85
CA GLN A 188 12.62 -6.63 8.54
C GLN A 188 13.33 -5.56 7.63
N LEU A 189 14.10 -6.05 6.68
CA LEU A 189 14.64 -5.16 5.68
C LEU A 189 13.89 -5.39 4.39
N PRO A 190 12.93 -4.49 4.03
CA PRO A 190 12.03 -4.79 2.90
C PRO A 190 12.77 -4.98 1.60
N GLY A 191 12.47 -6.05 0.85
CA GLY A 191 13.14 -6.34 -0.45
C GLY A 191 14.65 -6.59 -0.32
N GLY A 192 15.15 -6.71 0.90
CA GLY A 192 16.60 -6.61 1.14
C GLY A 192 17.34 -7.77 0.53
N LEU A 193 16.61 -8.86 0.28
CA LEU A 193 17.25 -10.04 -0.31
C LEU A 193 17.01 -10.15 -1.83
N GLY A 194 16.58 -9.05 -2.45
CA GLY A 194 16.33 -9.02 -3.90
C GLY A 194 14.89 -9.42 -4.21
N ASP A 195 14.65 -10.72 -4.23
CA ASP A 195 13.35 -11.34 -4.47
C ASP A 195 12.55 -11.64 -3.21
N LYS A 196 13.13 -11.27 -2.08
CA LYS A 196 12.48 -11.37 -0.79
CA LYS A 196 12.46 -11.39 -0.82
C LYS A 196 13.01 -10.29 0.08
N SER A 197 12.38 -10.10 1.22
CA SER A 197 12.85 -9.16 2.22
C SER A 197 13.81 -9.87 3.19
N GLY A 198 14.70 -9.10 3.85
CA GLY A 198 15.59 -9.66 4.87
C GLY A 198 15.13 -9.23 6.26
N GLY A 199 16.07 -9.23 7.24
CA GLY A 199 15.75 -8.78 8.51
C GLY A 199 16.81 -9.00 9.54
N MET A 200 16.66 -8.38 10.69
CA MET A 200 17.73 -8.45 11.75
C MET A 200 17.15 -8.94 13.14
N ARG A 201 17.15 -10.27 13.25
CA ARG A 201 16.61 -10.92 14.44
C ARG A 201 17.26 -10.41 15.75
N GLU A 202 18.51 -9.96 15.67
CA GLU A 202 19.20 -9.51 16.90
C GLU A 202 18.57 -8.28 17.56
N PHE A 203 17.73 -7.59 16.80
CA PHE A 203 17.08 -6.36 17.34
C PHE A 203 15.64 -6.59 17.82
N ILE A 204 15.08 -7.78 17.60
CA ILE A 204 13.68 -7.99 18.03
C ILE A 204 13.49 -7.73 19.51
N PHE A 205 14.31 -8.38 20.34
CA PHE A 205 14.13 -8.24 21.79
C PHE A 205 14.44 -6.83 22.31
N PRO A 206 15.59 -6.23 21.92
CA PRO A 206 15.79 -4.86 22.47
C PRO A 206 14.62 -3.93 22.11
N LEU A 207 14.11 -4.01 20.89
CA LEU A 207 13.05 -3.05 20.53
C LEU A 207 11.72 -3.38 21.23
N ILE A 208 11.43 -4.66 21.50
CA ILE A 208 10.20 -4.97 22.25
C ILE A 208 10.34 -4.40 23.69
N ARG A 209 11.56 -4.44 24.24
CA ARG A 209 11.77 -3.84 25.58
C ARG A 209 11.48 -2.32 25.54
N ALA A 210 11.95 -1.66 24.49
CA ALA A 210 11.64 -0.25 24.28
C ALA A 210 10.13 -0.01 24.24
N ALA A 211 9.40 -0.84 23.46
CA ALA A 211 7.97 -0.61 23.25
C ALA A 211 7.20 -0.64 24.57
N VAL A 212 7.53 -1.61 25.44
CA VAL A 212 6.76 -1.73 26.69
CA VAL A 212 6.79 -1.74 26.65
C VAL A 212 7.23 -0.69 27.67
N ALA A 213 8.50 -0.26 27.59
CA ALA A 213 8.95 0.83 28.50
C ALA A 213 8.25 2.14 28.14
N VAL A 214 8.09 2.38 26.84
CA VAL A 214 7.32 3.58 26.38
C VAL A 214 5.86 3.50 26.82
N GLY A 215 5.28 2.33 26.55
CA GLY A 215 3.88 1.96 26.88
C GLY A 215 3.06 1.67 25.66
N CYS A 216 2.52 0.46 25.61
CA CYS A 216 1.60 0.04 24.56
C CYS A 216 0.56 -0.88 25.18
N ASP A 217 -0.49 -1.18 24.42
CA ASP A 217 -1.55 -2.04 24.89
C ASP A 217 -1.34 -3.52 24.56
N GLY A 218 -0.35 -3.78 23.73
CA GLY A 218 -0.05 -5.15 23.38
C GLY A 218 1.17 -5.26 22.48
N VAL A 219 1.61 -6.48 22.27
N VAL A 219 1.58 -6.50 22.24
CA VAL A 219 2.63 -6.71 21.27
CA VAL A 219 2.70 -6.82 21.36
C VAL A 219 2.11 -7.75 20.29
C VAL A 219 2.35 -7.95 20.38
N PHE A 220 2.75 -7.78 19.12
CA PHE A 220 2.53 -8.70 18.05
C PHE A 220 3.85 -9.34 17.76
N MET A 221 3.93 -10.67 17.76
CA MET A 221 5.21 -11.29 17.41
C MET A 221 4.97 -12.65 16.76
N GLU A 222 5.59 -12.81 15.59
CA GLU A 222 5.44 -14.06 14.86
C GLU A 222 6.45 -15.04 15.40
N THR A 223 6.05 -16.31 15.42
CA THR A 223 6.90 -17.34 16.01
C THR A 223 6.72 -18.63 15.24
N HIS A 224 7.79 -19.43 15.14
CA HIS A 224 7.82 -20.65 14.33
C HIS A 224 8.71 -21.65 15.05
N PRO A 225 8.37 -22.94 15.06
CA PRO A 225 9.31 -23.86 15.74
C PRO A 225 10.74 -23.82 15.18
N GLU A 226 10.86 -23.58 13.88
CA GLU A 226 12.14 -23.55 13.20
C GLU A 226 12.14 -22.51 12.10
N PRO A 227 12.32 -21.22 12.48
CA PRO A 227 12.22 -20.07 11.60
C PRO A 227 13.05 -20.26 10.31
N GLU A 228 14.23 -20.89 10.44
CA GLU A 228 15.08 -20.96 9.27
C GLU A 228 14.44 -21.78 8.14
N LYS A 229 13.49 -22.65 8.49
CA LYS A 229 12.71 -23.43 7.52
C LYS A 229 11.38 -22.79 7.11
N ALA A 230 11.07 -21.60 7.65
CA ALA A 230 9.78 -20.99 7.37
C ALA A 230 9.66 -20.60 5.91
N LEU A 231 8.41 -20.53 5.43
CA LEU A 231 8.14 -20.20 4.04
C LEU A 231 7.94 -18.70 3.78
N SER A 232 7.91 -17.93 4.87
CA SER A 232 7.80 -16.47 4.80
C SER A 232 8.50 -15.92 6.02
N ASP A 233 9.06 -14.71 5.89
CA ASP A 233 9.75 -14.02 7.01
C ASP A 233 10.66 -14.94 7.82
N ALA A 234 11.44 -15.76 7.10
CA ALA A 234 12.32 -16.68 7.81
C ALA A 234 13.35 -15.89 8.62
N SER A 235 13.65 -14.66 8.19
CA SER A 235 14.67 -13.84 8.87
CA SER A 235 14.66 -13.79 8.84
C SER A 235 14.23 -13.22 10.22
N THR A 236 12.91 -13.11 10.44
CA THR A 236 12.41 -12.34 11.63
C THR A 236 11.51 -13.16 12.54
N GLN A 237 11.00 -14.33 12.10
CA GLN A 237 10.12 -15.04 13.05
C GLN A 237 10.92 -15.55 14.27
N LEU A 238 10.34 -15.40 15.46
CA LEU A 238 10.96 -15.83 16.68
CA LEU A 238 10.98 -15.85 16.69
C LEU A 238 10.94 -17.36 16.86
N PRO A 239 12.07 -17.99 17.22
CA PRO A 239 11.92 -19.42 17.55
C PRO A 239 10.88 -19.62 18.66
N LEU A 240 9.97 -20.57 18.47
CA LEU A 240 8.90 -20.86 19.44
C LEU A 240 9.48 -21.06 20.84
N SER A 241 10.64 -21.72 20.97
CA SER A 241 11.21 -21.98 22.29
C SER A 241 11.57 -20.71 23.09
N GLN A 242 11.76 -19.58 22.39
CA GLN A 242 12.09 -18.31 23.05
C GLN A 242 10.88 -17.47 23.48
N LEU A 243 9.67 -17.89 23.06
CA LEU A 243 8.48 -17.04 23.29
C LEU A 243 8.23 -16.81 24.79
N GLU A 244 8.31 -17.88 25.60
CA GLU A 244 8.02 -17.77 27.02
C GLU A 244 8.89 -16.71 27.68
N GLY A 245 10.21 -16.78 27.45
CA GLY A 245 11.17 -15.89 28.13
C GLY A 245 10.92 -14.44 27.73
N ILE A 246 10.54 -14.24 26.47
CA ILE A 246 10.32 -12.85 25.98
C ILE A 246 9.04 -12.30 26.58
N ILE A 247 7.99 -13.12 26.67
CA ILE A 247 6.72 -12.65 27.32
C ILE A 247 7.00 -12.34 28.81
N GLU A 248 7.74 -13.21 29.51
CA GLU A 248 8.04 -12.89 30.90
C GLU A 248 8.79 -11.56 31.02
N ALA A 249 9.79 -11.33 30.18
CA ALA A 249 10.54 -10.04 30.22
C ALA A 249 9.62 -8.84 29.96
N ILE A 250 8.76 -8.98 28.95
CA ILE A 250 7.72 -7.98 28.64
C ILE A 250 6.93 -7.54 29.83
N LEU A 251 6.44 -8.55 30.55
CA LEU A 251 5.54 -8.28 31.65
C LEU A 251 6.30 -7.62 32.79
N GLU A 252 7.54 -8.05 32.99
CA GLU A 252 8.36 -7.47 34.07
C GLU A 252 8.65 -6.00 33.81
N ILE A 253 9.02 -5.70 32.55
CA ILE A 253 9.37 -4.32 32.22
C ILE A 253 8.11 -3.43 32.21
N ARG A 254 6.98 -3.98 31.74
CA ARG A 254 5.70 -3.26 31.83
C ARG A 254 5.36 -2.90 33.25
N GLU A 255 5.52 -3.85 34.16
CA GLU A 255 5.11 -3.58 35.51
C GLU A 255 5.93 -2.45 36.12
N VAL A 256 7.25 -2.51 35.99
CA VAL A 256 8.09 -1.50 36.63
C VAL A 256 7.94 -0.12 35.92
N ALA A 257 7.72 -0.12 34.59
CA ALA A 257 7.52 1.14 33.87
C ALA A 257 6.13 1.77 34.08
N SER A 258 5.16 0.95 34.48
CA SER A 258 3.73 1.33 34.31
C SER A 258 3.33 2.55 35.13
N LYS A 259 3.94 2.72 36.33
CA LYS A 259 3.56 3.89 37.16
C LYS A 259 3.89 5.22 36.46
N TYR A 260 4.74 5.15 35.41
CA TYR A 260 5.26 6.34 34.70
C TYR A 260 4.53 6.61 33.39
N TYR A 261 3.67 5.68 32.99
CA TYR A 261 2.96 5.88 31.73
C TYR A 261 2.11 7.12 31.82
N GLU A 262 2.26 7.99 30.85
CA GLU A 262 1.47 9.26 30.82
C GLU A 262 0.01 9.07 30.48
N THR A 263 -0.86 9.89 31.09
CA THR A 263 -2.28 9.87 30.77
C THR A 263 -2.50 10.51 29.43
N ILE A 264 -3.06 9.77 28.48
CA ILE A 264 -3.27 10.34 27.15
C ILE A 264 -4.72 10.76 26.89
N LYS B 3 6.85 6.74 -29.86
CA LYS B 3 6.32 8.08 -29.51
C LYS B 3 6.34 8.33 -28.01
N PHE B 4 6.68 9.55 -27.65
CA PHE B 4 6.60 10.01 -26.22
C PHE B 4 5.18 9.95 -25.73
N LEU B 5 4.94 9.47 -24.52
CA LEU B 5 3.60 9.38 -23.96
CA LEU B 5 3.59 9.40 -23.97
C LEU B 5 3.30 10.57 -23.09
N VAL B 6 2.10 11.12 -23.24
CA VAL B 6 1.61 12.11 -22.30
C VAL B 6 0.27 11.57 -21.79
N ILE B 7 0.22 11.23 -20.50
CA ILE B 7 -1.02 10.81 -19.82
C ILE B 7 -1.56 11.99 -19.09
N ALA B 8 -2.78 12.41 -19.39
CA ALA B 8 -3.28 13.65 -18.80
C ALA B 8 -4.79 13.57 -18.67
N GLY B 9 -5.32 14.29 -17.68
CA GLY B 9 -6.76 14.26 -17.46
C GLY B 9 -7.01 14.70 -16.05
N PRO B 10 -8.28 14.88 -15.70
CA PRO B 10 -8.63 15.29 -14.34
C PRO B 10 -8.49 14.13 -13.38
N CYS B 11 -8.02 14.42 -12.17
CA CYS B 11 -7.72 13.34 -11.18
C CYS B 11 -8.90 12.38 -11.07
N ALA B 12 -10.09 12.93 -10.84
CA ALA B 12 -11.29 12.16 -10.56
C ALA B 12 -12.39 12.46 -11.56
N ILE B 13 -13.24 11.47 -11.82
CA ILE B 13 -14.40 11.68 -12.75
C ILE B 13 -15.48 12.44 -11.97
N GLU B 14 -15.31 13.75 -11.88
CA GLU B 14 -16.24 14.57 -11.12
C GLU B 14 -17.60 14.57 -11.83
N SER B 15 -17.54 14.55 -13.15
CA SER B 15 -18.76 14.45 -13.98
C SER B 15 -18.39 14.12 -15.40
N GLU B 16 -19.35 13.57 -16.14
CA GLU B 16 -19.12 13.31 -17.55
C GLU B 16 -18.80 14.65 -18.25
N GLU B 17 -19.48 15.73 -17.83
CA GLU B 17 -19.26 17.09 -18.37
C GLU B 17 -17.79 17.55 -18.27
N LEU B 18 -17.21 17.40 -17.09
CA LEU B 18 -15.80 17.73 -16.86
C LEU B 18 -14.92 16.93 -17.82
N LEU B 19 -15.16 15.62 -17.97
CA LEU B 19 -14.31 14.82 -18.81
C LEU B 19 -14.36 15.32 -20.22
N LEU B 20 -15.55 15.71 -20.65
CA LEU B 20 -15.65 16.21 -22.03
C LEU B 20 -14.92 17.54 -22.26
N LYS B 21 -14.94 18.43 -21.27
CA LYS B 21 -14.25 19.72 -21.38
C LYS B 21 -12.74 19.44 -21.48
N VAL B 22 -12.24 18.54 -20.62
CA VAL B 22 -10.81 18.30 -20.60
C VAL B 22 -10.44 17.50 -21.85
N GLY B 23 -11.29 16.55 -22.23
CA GLY B 23 -11.08 15.73 -23.41
C GLY B 23 -11.01 16.55 -24.71
N GLU B 24 -11.80 17.63 -24.77
CA GLU B 24 -11.77 18.55 -25.90
C GLU B 24 -10.38 19.17 -26.11
N GLU B 25 -9.79 19.57 -24.99
CA GLU B 25 -8.45 20.18 -25.03
C GLU B 25 -7.36 19.14 -25.32
N ILE B 26 -7.47 17.96 -24.71
CA ILE B 26 -6.43 16.96 -24.97
C ILE B 26 -6.55 16.52 -26.46
N LYS B 27 -7.77 16.50 -27.01
CA LYS B 27 -7.90 16.18 -28.44
C LYS B 27 -7.21 17.23 -29.33
N ARG B 28 -7.45 18.50 -28.99
CA ARG B 28 -6.85 19.63 -29.68
C ARG B 28 -5.31 19.49 -29.64
N LEU B 29 -4.76 19.26 -28.45
CA LEU B 29 -3.30 19.09 -28.37
C LEU B 29 -2.78 17.85 -29.14
N SER B 30 -3.54 16.76 -29.17
CA SER B 30 -3.12 15.56 -29.88
C SER B 30 -3.05 15.88 -31.39
N GLU B 31 -3.84 16.85 -31.81
CA GLU B 31 -3.85 17.27 -33.25
C GLU B 31 -2.65 18.18 -33.58
N LYS B 32 -2.23 18.93 -32.56
CA LYS B 32 -1.12 19.88 -32.65
C LYS B 32 0.23 19.16 -32.54
N PHE B 33 0.31 18.13 -31.68
CA PHE B 33 1.56 17.43 -31.37
C PHE B 33 1.60 15.98 -31.86
N LYS B 34 1.80 15.77 -33.16
CA LYS B 34 1.70 14.40 -33.67
C LYS B 34 2.87 13.53 -33.22
N GLU B 35 3.93 14.16 -32.70
CA GLU B 35 5.07 13.45 -32.07
C GLU B 35 4.71 12.83 -30.72
N VAL B 36 3.48 13.02 -30.26
CA VAL B 36 3.12 12.57 -28.92
C VAL B 36 1.97 11.61 -28.96
N GLU B 37 2.01 10.56 -28.13
CA GLU B 37 0.81 9.74 -27.94
CA GLU B 37 0.83 9.74 -27.92
C GLU B 37 0.10 10.19 -26.68
N PHE B 38 -1.09 10.75 -26.82
CA PHE B 38 -1.89 11.19 -25.66
C PHE B 38 -2.75 10.03 -25.15
N VAL B 39 -2.81 9.88 -23.83
CA VAL B 39 -3.70 8.95 -23.20
C VAL B 39 -4.50 9.75 -22.19
N PHE B 40 -5.83 9.70 -22.28
CA PHE B 40 -6.71 10.35 -21.34
C PHE B 40 -6.87 9.57 -20.04
N LYS B 41 -6.57 10.20 -18.89
CA LYS B 41 -6.70 9.58 -17.55
C LYS B 41 -7.79 10.21 -16.72
N SER B 42 -8.61 9.41 -16.03
CA SER B 42 -9.39 9.92 -14.90
C SER B 42 -9.81 8.73 -14.08
N SER B 43 -9.82 8.90 -12.76
CA SER B 43 -10.21 7.85 -11.84
C SER B 43 -11.70 7.74 -11.60
N PHE B 44 -12.28 6.52 -11.76
CA PHE B 44 -13.73 6.36 -11.42
C PHE B 44 -13.94 6.25 -9.91
N ASP B 45 -12.86 5.97 -9.15
CA ASP B 45 -12.98 5.92 -7.68
C ASP B 45 -11.69 6.41 -7.03
N LYS B 46 -11.80 7.35 -6.11
CA LYS B 46 -10.66 7.69 -5.21
C LYS B 46 -10.83 6.77 -3.99
N ALA B 47 -10.22 5.59 -4.09
CA ALA B 47 -10.49 4.49 -3.14
C ALA B 47 -9.64 4.57 -1.84
N ASN B 48 -8.72 5.55 -1.80
CA ASN B 48 -7.68 5.65 -0.74
C ASN B 48 -7.61 7.02 -0.11
N ARG B 49 -8.73 7.78 -0.15
CA ARG B 49 -8.71 9.14 0.42
C ARG B 49 -8.36 9.09 1.89
N SER B 50 -7.78 10.17 2.40
N SER B 50 -7.76 10.16 2.40
CA SER B 50 -7.44 10.21 3.83
CA SER B 50 -7.48 10.19 3.85
C SER B 50 -8.71 10.21 4.73
C SER B 50 -8.78 10.10 4.67
N SER B 51 -9.74 10.96 4.32
CA SER B 51 -10.96 11.13 5.09
C SER B 51 -12.15 10.36 4.55
N ILE B 52 -12.94 9.79 5.46
CA ILE B 52 -14.21 9.17 5.06
C ILE B 52 -15.16 10.19 4.41
N HIS B 53 -14.97 11.46 4.72
CA HIS B 53 -15.93 12.49 4.18
C HIS B 53 -15.52 13.08 2.80
N SER B 54 -14.35 12.69 2.29
CA SER B 54 -13.88 13.19 0.98
C SER B 54 -14.50 12.53 -0.25
N PHE B 55 -14.37 13.20 -1.42
CA PHE B 55 -15.00 12.71 -2.63
C PHE B 55 -14.33 11.46 -3.11
N ARG B 56 -15.15 10.45 -3.39
CA ARG B 56 -14.65 9.22 -4.04
C ARG B 56 -15.02 9.12 -5.52
N GLY B 57 -16.28 9.41 -5.83
CA GLY B 57 -16.71 9.33 -7.23
C GLY B 57 -18.13 8.81 -7.35
N HIS B 58 -18.51 8.49 -8.59
CA HIS B 58 -19.88 8.19 -8.94
C HIS B 58 -20.07 6.73 -9.27
N GLY B 59 -19.05 5.93 -9.00
CA GLY B 59 -19.14 4.50 -9.20
C GLY B 59 -18.49 4.04 -10.47
N LEU B 60 -18.18 2.75 -10.51
CA LEU B 60 -17.48 2.18 -11.62
C LEU B 60 -18.32 2.30 -12.88
N GLU B 61 -19.62 2.04 -12.76
CA GLU B 61 -20.43 2.00 -13.97
C GLU B 61 -20.50 3.36 -14.65
N TYR B 62 -20.77 4.38 -13.85
CA TYR B 62 -20.85 5.75 -14.33
C TYR B 62 -19.52 6.15 -14.96
N GLY B 63 -18.43 5.78 -14.28
CA GLY B 63 -17.13 6.26 -14.76
C GLY B 63 -16.73 5.59 -16.05
N VAL B 64 -16.96 4.28 -16.15
CA VAL B 64 -16.61 3.58 -17.38
C VAL B 64 -17.45 4.13 -18.54
N LYS B 65 -18.70 4.51 -18.22
CA LYS B 65 -19.60 5.16 -19.20
C LYS B 65 -19.02 6.49 -19.72
N ALA B 66 -18.58 7.32 -18.77
CA ALA B 66 -18.04 8.64 -19.08
C ALA B 66 -16.73 8.47 -19.88
N LEU B 67 -15.85 7.53 -19.46
CA LEU B 67 -14.62 7.34 -20.21
C LEU B 67 -14.91 6.83 -21.63
N ARG B 68 -15.95 6.01 -21.76
CA ARG B 68 -16.33 5.53 -23.11
C ARG B 68 -16.78 6.72 -23.97
N LYS B 69 -17.44 7.70 -23.35
CA LYS B 69 -17.94 8.90 -24.07
C LYS B 69 -16.72 9.69 -24.61
N VAL B 70 -15.69 9.86 -23.78
CA VAL B 70 -14.46 10.50 -24.22
C VAL B 70 -13.78 9.76 -25.40
N LYS B 71 -13.71 8.45 -25.30
CA LYS B 71 -13.06 7.67 -26.33
C LYS B 71 -13.84 7.76 -27.63
N GLU B 72 -15.15 7.73 -27.46
CA GLU B 72 -16.08 7.83 -28.61
C GLU B 72 -16.04 9.19 -29.30
N GLU B 73 -16.23 10.26 -28.51
CA GLU B 73 -16.34 11.62 -29.00
C GLU B 73 -14.98 12.07 -29.59
N PHE B 74 -13.87 11.65 -28.98
CA PHE B 74 -12.55 12.20 -29.38
C PHE B 74 -11.54 11.20 -29.94
N GLY B 75 -11.78 9.90 -29.84
CA GLY B 75 -10.84 8.92 -30.42
C GLY B 75 -9.50 8.91 -29.68
N LEU B 76 -9.59 9.23 -28.40
CA LEU B 76 -8.47 9.17 -27.45
C LEU B 76 -8.33 7.80 -26.75
N LYS B 77 -7.11 7.28 -26.64
CA LYS B 77 -6.85 6.18 -25.70
C LYS B 77 -7.17 6.57 -24.26
N ILE B 78 -7.50 5.56 -23.44
CA ILE B 78 -8.02 5.77 -22.07
C ILE B 78 -7.17 5.03 -21.05
N THR B 79 -6.96 5.65 -19.89
CA THR B 79 -6.39 4.91 -18.75
C THR B 79 -7.20 5.24 -17.50
N THR B 80 -7.37 4.26 -16.61
CA THR B 80 -7.94 4.51 -15.29
C THR B 80 -7.37 3.44 -14.36
N ASP B 81 -7.49 3.68 -13.05
CA ASP B 81 -6.88 2.75 -12.09
C ASP B 81 -7.93 1.78 -11.52
N ILE B 82 -7.47 0.62 -11.10
CA ILE B 82 -8.34 -0.36 -10.47
C ILE B 82 -7.90 -0.61 -9.03
N HIS B 83 -8.79 -1.14 -8.20
CA HIS B 83 -8.53 -1.17 -6.73
C HIS B 83 -8.70 -2.54 -6.13
N GLU B 84 -9.48 -3.38 -6.82
CA GLU B 84 -9.66 -4.78 -6.45
C GLU B 84 -9.73 -5.60 -7.72
N SER B 85 -9.39 -6.88 -7.60
CA SER B 85 -9.16 -7.72 -8.78
C SER B 85 -10.39 -7.78 -9.71
N TRP B 86 -11.57 -7.88 -9.12
CA TRP B 86 -12.85 -7.99 -9.92
C TRP B 86 -13.04 -6.83 -10.92
N GLN B 87 -12.39 -5.69 -10.65
CA GLN B 87 -12.64 -4.49 -11.47
C GLN B 87 -11.89 -4.53 -12.81
N ALA B 88 -10.87 -5.36 -12.92
CA ALA B 88 -10.01 -5.34 -14.10
C ALA B 88 -10.80 -5.63 -15.36
N GLU B 89 -11.60 -6.70 -15.31
CA GLU B 89 -12.37 -7.11 -16.54
C GLU B 89 -13.35 -6.01 -17.03
N PRO B 90 -14.24 -5.47 -16.17
CA PRO B 90 -15.12 -4.39 -16.70
C PRO B 90 -14.35 -3.16 -17.15
N VAL B 91 -13.30 -2.79 -16.41
CA VAL B 91 -12.56 -1.60 -16.82
C VAL B 91 -11.81 -1.81 -18.17
N ALA B 92 -11.32 -3.03 -18.43
CA ALA B 92 -10.56 -3.33 -19.66
C ALA B 92 -11.45 -3.16 -20.91
N GLU B 93 -12.77 -3.15 -20.70
CA GLU B 93 -13.68 -2.82 -21.83
C GLU B 93 -13.38 -1.47 -22.48
N VAL B 94 -12.98 -0.46 -21.68
CA VAL B 94 -12.73 0.93 -22.13
C VAL B 94 -11.23 1.25 -22.03
N ALA B 95 -10.54 0.70 -21.03
CA ALA B 95 -9.16 1.17 -20.78
C ALA B 95 -8.08 0.55 -21.63
N ASP B 96 -7.34 1.37 -22.39
CA ASP B 96 -6.19 0.85 -23.13
C ASP B 96 -5.02 0.51 -22.21
N ILE B 97 -4.90 1.31 -21.14
CA ILE B 97 -3.88 1.08 -20.09
C ILE B 97 -4.56 0.96 -18.75
N ILE B 98 -4.34 -0.16 -18.07
CA ILE B 98 -4.91 -0.34 -16.71
C ILE B 98 -3.85 0.15 -15.71
N GLN B 99 -4.22 1.10 -14.85
CA GLN B 99 -3.29 1.69 -13.85
C GLN B 99 -3.40 0.96 -12.52
N ILE B 100 -2.24 0.64 -11.92
CA ILE B 100 -2.19 0.01 -10.62
C ILE B 100 -1.75 1.09 -9.59
N PRO B 101 -2.60 1.39 -8.57
CA PRO B 101 -2.23 2.44 -7.59
C PRO B 101 -0.98 2.14 -6.77
N ALA B 102 -0.32 3.21 -6.33
CA ALA B 102 0.99 3.16 -5.63
C ALA B 102 0.91 2.25 -4.40
N PHE B 103 -0.13 2.44 -3.60
CA PHE B 103 -0.23 1.60 -2.38
C PHE B 103 -0.45 0.12 -2.70
N LEU B 104 -0.95 -0.15 -3.91
CA LEU B 104 -1.35 -1.49 -4.27
C LEU B 104 -0.30 -2.21 -5.15
N CYS B 105 0.89 -1.59 -5.33
CA CYS B 105 1.86 -2.13 -6.34
C CYS B 105 2.43 -3.49 -5.99
N ARG B 106 2.28 -3.95 -4.74
CA ARG B 106 2.72 -5.30 -4.35
C ARG B 106 1.56 -6.33 -4.32
N GLN B 107 0.32 -5.90 -4.60
CA GLN B 107 -0.87 -6.81 -4.50
C GLN B 107 -0.89 -7.73 -5.71
N THR B 108 -0.30 -8.90 -5.52
CA THR B 108 -0.13 -9.90 -6.59
C THR B 108 -1.43 -10.15 -7.40
N ASP B 109 -2.56 -10.37 -6.73
CA ASP B 109 -3.82 -10.68 -7.47
C ASP B 109 -4.28 -9.52 -8.34
N LEU B 110 -4.08 -8.28 -7.86
CA LEU B 110 -4.49 -7.12 -8.64
C LEU B 110 -3.65 -7.03 -9.93
N LEU B 111 -2.34 -7.19 -9.78
CA LEU B 111 -1.42 -7.23 -10.94
C LEU B 111 -1.78 -8.33 -11.92
N LEU B 112 -2.04 -9.52 -11.39
CA LEU B 112 -2.38 -10.65 -12.27
C LEU B 112 -3.71 -10.41 -12.96
N ALA B 113 -4.68 -9.84 -12.24
CA ALA B 113 -6.02 -9.51 -12.82
C ALA B 113 -5.88 -8.52 -14.00
N ALA B 114 -5.07 -7.48 -13.80
CA ALA B 114 -4.82 -6.50 -14.86
C ALA B 114 -4.12 -7.17 -16.05
N ALA B 115 -3.10 -7.99 -15.79
CA ALA B 115 -2.37 -8.63 -16.89
C ALA B 115 -3.28 -9.54 -17.71
N LYS B 116 -4.22 -10.20 -17.02
CA LYS B 116 -5.09 -11.20 -17.70
C LYS B 116 -5.97 -10.60 -18.80
N THR B 117 -6.25 -9.30 -18.68
CA THR B 117 -7.19 -8.61 -19.59
C THR B 117 -6.61 -8.46 -20.98
N GLY B 118 -5.29 -8.65 -21.10
CA GLY B 118 -4.56 -8.33 -22.34
C GLY B 118 -4.25 -6.86 -22.63
N ARG B 119 -4.62 -5.94 -21.69
CA ARG B 119 -4.36 -4.49 -21.81
C ARG B 119 -2.95 -4.21 -21.35
N ALA B 120 -2.39 -3.08 -21.78
CA ALA B 120 -1.17 -2.57 -21.16
C ALA B 120 -1.43 -2.29 -19.69
N VAL B 121 -0.37 -2.32 -18.90
CA VAL B 121 -0.49 -2.05 -17.47
C VAL B 121 0.55 -1.05 -17.06
N ASN B 122 0.12 -0.07 -16.26
CA ASN B 122 1.01 0.97 -15.72
C ASN B 122 1.00 0.91 -14.23
N VAL B 123 2.13 0.61 -13.59
CA VAL B 123 2.14 0.49 -12.12
C VAL B 123 2.77 1.69 -11.49
N LYS B 124 2.01 2.39 -10.63
CA LYS B 124 2.56 3.48 -9.82
C LYS B 124 3.55 2.87 -8.83
N LYS B 125 4.80 3.37 -8.81
CA LYS B 125 5.78 2.87 -7.85
C LYS B 125 5.43 3.27 -6.41
N GLY B 126 5.22 2.28 -5.52
CA GLY B 126 4.85 2.61 -4.12
C GLY B 126 5.88 3.55 -3.51
N GLN B 127 5.39 4.43 -2.62
CA GLN B 127 6.25 5.34 -1.86
C GLN B 127 7.26 4.64 -0.96
N PHE B 128 7.00 3.35 -0.69
CA PHE B 128 7.84 2.47 0.14
C PHE B 128 8.84 1.63 -0.64
N LEU B 129 8.74 1.67 -1.97
CA LEU B 129 9.56 0.83 -2.82
C LEU B 129 10.89 1.46 -3.26
N ALA B 130 11.98 0.69 -3.27
CA ALA B 130 13.19 1.15 -3.87
C ALA B 130 13.18 0.90 -5.37
N PRO B 131 13.91 1.67 -6.20
CA PRO B 131 13.75 1.50 -7.68
C PRO B 131 14.08 0.08 -8.11
N TRP B 132 15.11 -0.51 -7.50
CA TRP B 132 15.48 -1.89 -7.87
C TRP B 132 14.43 -2.94 -7.46
N ASP B 133 13.55 -2.58 -6.53
CA ASP B 133 12.49 -3.47 -6.08
C ASP B 133 11.39 -3.62 -7.15
N THR B 134 11.40 -2.77 -8.20
CA THR B 134 10.35 -2.83 -9.21
C THR B 134 10.60 -3.95 -10.23
N LYS B 135 11.82 -4.50 -10.25
CA LYS B 135 12.05 -5.65 -11.15
C LYS B 135 11.06 -6.82 -10.91
N ASN B 136 10.80 -7.12 -9.62
CA ASN B 136 9.87 -8.15 -9.24
C ASN B 136 8.41 -7.83 -9.64
N VAL B 137 8.04 -6.55 -9.61
CA VAL B 137 6.72 -6.09 -10.05
C VAL B 137 6.49 -6.46 -11.53
N VAL B 138 7.45 -6.08 -12.39
CA VAL B 138 7.42 -6.39 -13.81
C VAL B 138 7.37 -7.91 -13.99
N GLU B 139 8.15 -8.65 -13.19
CA GLU B 139 8.15 -10.13 -13.34
C GLU B 139 6.77 -10.74 -13.06
N LYS B 140 6.03 -10.19 -12.09
CA LYS B 140 4.66 -10.65 -11.84
C LYS B 140 3.77 -10.42 -13.04
N LEU B 141 3.85 -9.23 -13.59
CA LEU B 141 3.04 -8.85 -14.76
C LEU B 141 3.39 -9.71 -15.98
N LYS B 142 4.67 -9.99 -16.20
CA LYS B 142 5.04 -10.87 -17.32
C LYS B 142 4.50 -12.30 -17.12
N PHE B 143 4.62 -12.79 -15.89
CA PHE B 143 4.10 -14.12 -15.51
C PHE B 143 2.61 -14.18 -15.86
N GLY B 144 1.89 -13.07 -15.62
CA GLY B 144 0.45 -12.98 -15.82
C GLY B 144 0.02 -12.73 -17.28
N GLY B 145 1.00 -12.53 -18.13
CA GLY B 145 0.76 -12.44 -19.59
C GLY B 145 0.84 -11.03 -20.17
N ALA B 146 1.17 -10.03 -19.34
CA ALA B 146 1.28 -8.67 -19.81
C ALA B 146 2.47 -8.52 -20.75
N LYS B 147 2.28 -7.74 -21.81
CA LYS B 147 3.33 -7.49 -22.80
C LYS B 147 3.81 -6.01 -22.82
N GLU B 148 2.92 -5.09 -22.45
CA GLU B 148 3.18 -3.66 -22.53
C GLU B 148 3.09 -3.14 -21.11
N ILE B 149 4.25 -2.88 -20.52
CA ILE B 149 4.35 -2.60 -19.08
C ILE B 149 5.07 -1.30 -18.85
N TYR B 150 4.47 -0.44 -18.01
CA TYR B 150 5.05 0.81 -17.57
C TYR B 150 5.21 0.86 -16.07
N LEU B 151 6.23 1.59 -15.63
CA LEU B 151 6.45 1.91 -14.18
C LEU B 151 6.42 3.39 -14.05
N THR B 152 5.70 3.93 -13.05
CA THR B 152 5.58 5.36 -12.92
C THR B 152 6.23 5.85 -11.64
N GLU B 153 7.17 6.76 -11.79
CA GLU B 153 7.81 7.43 -10.70
C GLU B 153 6.85 8.45 -10.12
N ARG B 154 6.55 8.34 -8.82
CA ARG B 154 5.63 9.32 -8.19
C ARG B 154 6.07 9.73 -6.77
N GLY B 155 7.40 9.66 -6.52
CA GLY B 155 7.96 10.13 -5.24
C GLY B 155 8.10 8.97 -4.23
N THR B 156 8.94 9.21 -3.24
CA THR B 156 9.28 8.27 -2.22
C THR B 156 9.16 8.93 -0.85
N THR B 157 8.66 8.18 0.13
CA THR B 157 8.52 8.69 1.52
C THR B 157 9.80 9.30 2.03
N PHE B 158 9.71 10.54 2.50
CA PHE B 158 10.90 11.29 2.94
C PHE B 158 10.55 11.95 4.25
N GLY B 159 10.74 11.21 5.36
CA GLY B 159 10.17 11.64 6.66
C GLY B 159 8.64 11.61 6.58
N TYR B 160 8.00 12.47 7.39
CA TYR B 160 6.54 12.51 7.47
C TYR B 160 5.94 13.56 6.54
N ASN B 161 4.80 13.22 5.91
CA ASN B 161 4.06 14.19 5.11
C ASN B 161 4.90 14.89 4.03
N ASN B 162 5.81 14.14 3.40
CA ASN B 162 6.68 14.68 2.37
C ASN B 162 7.15 13.58 1.47
N LEU B 163 7.27 13.92 0.19
CA LEU B 163 7.86 12.97 -0.78
C LEU B 163 9.03 13.60 -1.45
N VAL B 164 10.02 12.79 -1.81
CA VAL B 164 11.11 13.26 -2.62
C VAL B 164 11.20 12.44 -3.90
N VAL B 165 11.54 13.10 -5.00
CA VAL B 165 11.79 12.37 -6.27
C VAL B 165 13.27 12.11 -6.40
N ASP B 166 13.63 10.83 -6.31
CA ASP B 166 14.97 10.41 -6.53
C ASP B 166 15.19 10.11 -8.01
N PHE B 167 15.76 11.05 -8.79
CA PHE B 167 15.80 10.87 -10.29
C PHE B 167 16.72 9.73 -10.70
N ARG B 168 17.50 9.17 -9.75
CA ARG B 168 18.22 7.92 -10.08
C ARG B 168 17.24 6.79 -10.47
N SER B 169 15.98 6.87 -10.02
CA SER B 169 15.00 5.79 -10.29
C SER B 169 14.78 5.64 -11.78
N LEU B 170 14.89 6.73 -12.55
CA LEU B 170 14.47 6.68 -14.00
C LEU B 170 15.38 5.75 -14.75
N PRO B 171 16.71 5.96 -14.69
CA PRO B 171 17.51 4.95 -15.41
C PRO B 171 17.50 3.53 -14.79
N ILE B 172 17.33 3.44 -13.49
CA ILE B 172 17.25 2.08 -12.88
C ILE B 172 16.03 1.33 -13.40
N MET B 173 14.85 1.98 -13.37
CA MET B 173 13.60 1.27 -13.76
C MET B 173 13.57 0.97 -15.27
N LYS B 174 14.24 1.81 -16.05
CA LYS B 174 14.32 1.64 -17.51
C LYS B 174 14.95 0.29 -17.91
N GLN B 175 15.70 -0.32 -16.98
CA GLN B 175 16.26 -1.66 -17.26
C GLN B 175 15.20 -2.71 -17.50
N TRP B 176 13.95 -2.50 -17.02
CA TRP B 176 12.95 -3.61 -17.11
CA TRP B 176 12.89 -3.53 -16.91
C TRP B 176 11.57 -3.15 -17.55
N ALA B 177 11.35 -1.85 -17.69
CA ALA B 177 10.08 -1.39 -18.24
C ALA B 177 10.21 0.01 -18.85
N LYS B 178 9.15 0.41 -19.52
CA LYS B 178 9.03 1.79 -19.97
C LYS B 178 8.73 2.65 -18.75
N VAL B 179 9.32 3.83 -18.66
CA VAL B 179 9.21 4.62 -17.42
C VAL B 179 8.44 5.91 -17.68
N ILE B 180 7.46 6.20 -16.80
CA ILE B 180 6.67 7.39 -16.82
C ILE B 180 6.97 8.26 -15.61
N TYR B 181 7.05 9.59 -15.76
CA TYR B 181 7.15 10.45 -14.57
C TYR B 181 5.81 11.11 -14.23
N ASP B 182 5.31 10.88 -13.01
CA ASP B 182 4.09 11.54 -12.55
C ASP B 182 4.45 12.91 -11.96
N ALA B 183 4.10 13.97 -12.70
CA ALA B 183 4.49 15.33 -12.41
C ALA B 183 3.63 15.94 -11.30
N THR B 184 2.44 15.38 -11.10
CA THR B 184 1.56 16.13 -10.20
C THR B 184 1.52 15.45 -8.76
N HIS B 185 1.46 14.14 -8.64
CA HIS B 185 1.43 13.52 -7.29
C HIS B 185 2.79 13.54 -6.60
N SER B 186 3.86 13.71 -7.39
CA SER B 186 5.23 13.70 -6.88
C SER B 186 5.54 14.84 -5.97
N VAL B 187 4.75 15.92 -6.09
CA VAL B 187 4.96 17.14 -5.32
C VAL B 187 3.83 17.38 -4.33
N GLN B 188 2.86 16.44 -4.23
CA GLN B 188 1.85 16.53 -3.17
CA GLN B 188 1.85 16.55 -3.17
C GLN B 188 2.48 16.24 -1.79
N LEU B 189 1.91 16.82 -0.76
CA LEU B 189 2.35 16.57 0.61
C LEU B 189 1.34 15.65 1.29
N PRO B 190 1.66 14.36 1.39
CA PRO B 190 0.62 13.40 1.85
C PRO B 190 0.11 13.68 3.26
N GLY B 191 -1.21 13.63 3.47
CA GLY B 191 -1.81 13.81 4.81
C GLY B 191 -1.85 15.24 5.36
N GLY B 199 4.94 24.64 -0.41
CA GLY B 199 4.73 24.83 -1.85
C GLY B 199 4.51 23.45 -2.45
N MET B 200 3.58 23.39 -3.41
CA MET B 200 3.48 22.18 -4.17
C MET B 200 3.42 22.54 -5.66
N ARG B 201 2.38 23.27 -6.06
CA ARG B 201 2.20 23.53 -7.53
C ARG B 201 3.44 24.20 -8.15
N GLU B 202 4.09 25.07 -7.41
CA GLU B 202 5.27 25.77 -7.96
C GLU B 202 6.40 24.82 -8.41
N PHE B 203 6.41 23.57 -7.91
CA PHE B 203 7.49 22.64 -8.28
C PHE B 203 7.14 21.71 -9.43
N ILE B 204 5.89 21.75 -9.87
CA ILE B 204 5.45 20.81 -10.93
C ILE B 204 6.32 20.97 -12.20
N PHE B 205 6.39 22.21 -12.71
CA PHE B 205 7.12 22.45 -14.00
C PHE B 205 8.63 22.19 -13.87
N PRO B 206 9.26 22.74 -12.82
CA PRO B 206 10.69 22.46 -12.71
C PRO B 206 11.01 20.97 -12.67
N LEU B 207 10.24 20.17 -11.91
CA LEU B 207 10.61 18.73 -11.82
C LEU B 207 10.27 17.94 -13.13
N ILE B 208 9.24 18.37 -13.86
CA ILE B 208 8.98 17.71 -15.13
CA ILE B 208 8.95 17.84 -15.21
C ILE B 208 10.13 18.05 -16.12
N ARG B 209 10.69 19.26 -16.06
CA ARG B 209 11.88 19.58 -16.89
C ARG B 209 13.01 18.62 -16.51
N ALA B 210 13.21 18.41 -15.21
CA ALA B 210 14.21 17.45 -14.78
C ALA B 210 13.99 16.05 -15.38
N ALA B 211 12.75 15.57 -15.30
CA ALA B 211 12.39 14.23 -15.78
C ALA B 211 12.80 14.01 -17.24
N VAL B 212 12.51 15.02 -18.05
CA VAL B 212 12.82 14.85 -19.49
CA VAL B 212 12.78 14.94 -19.47
C VAL B 212 14.32 15.07 -19.76
N ALA B 213 15.00 15.85 -18.92
CA ALA B 213 16.45 16.04 -19.05
C ALA B 213 17.18 14.72 -18.71
N VAL B 214 16.67 14.02 -17.69
CA VAL B 214 17.23 12.72 -17.30
C VAL B 214 16.93 11.66 -18.34
N GLY B 215 15.66 11.62 -18.73
CA GLY B 215 15.20 10.72 -19.77
C GLY B 215 14.12 9.78 -19.25
N CYS B 216 12.93 9.89 -19.86
CA CYS B 216 11.81 8.99 -19.53
C CYS B 216 11.02 8.70 -20.79
N ASP B 217 10.10 7.77 -20.69
CA ASP B 217 9.30 7.38 -21.88
C ASP B 217 7.99 8.17 -21.99
N GLY B 218 7.64 8.88 -20.91
CA GLY B 218 6.45 9.69 -20.92
C GLY B 218 6.23 10.43 -19.61
N VAL B 219 5.24 11.33 -19.57
CA VAL B 219 4.89 12.10 -18.37
CA VAL B 219 4.89 12.08 -18.35
C VAL B 219 3.41 11.89 -18.11
N PHE B 220 3.04 11.94 -16.85
CA PHE B 220 1.70 11.84 -16.36
C PHE B 220 1.41 13.15 -15.68
N MET B 221 0.33 13.85 -16.07
CA MET B 221 0.01 15.12 -15.39
CA MET B 221 0.02 15.12 -15.46
C MET B 221 -1.48 15.28 -15.32
N GLU B 222 -1.98 15.53 -14.13
CA GLU B 222 -3.41 15.76 -13.96
C GLU B 222 -3.68 17.20 -14.24
N THR B 223 -4.84 17.44 -14.83
CA THR B 223 -5.20 18.78 -15.26
C THR B 223 -6.69 18.98 -15.10
N HIS B 224 -7.09 20.22 -14.80
CA HIS B 224 -8.47 20.58 -14.44
C HIS B 224 -8.75 22.00 -14.89
N PRO B 225 -9.93 22.29 -15.49
CA PRO B 225 -10.18 23.67 -15.90
C PRO B 225 -10.04 24.66 -14.75
N GLU B 226 -10.42 24.26 -13.52
CA GLU B 226 -10.33 25.12 -12.38
C GLU B 226 -9.89 24.36 -11.15
N PRO B 227 -8.57 24.07 -11.04
CA PRO B 227 -8.07 23.23 -9.92
C PRO B 227 -8.57 23.63 -8.49
N GLU B 228 -8.75 24.93 -8.23
CA GLU B 228 -9.22 25.42 -6.91
C GLU B 228 -10.57 24.82 -6.52
N LYS B 229 -11.35 24.41 -7.53
CA LYS B 229 -12.67 23.83 -7.32
C LYS B 229 -12.66 22.30 -7.46
N ALA B 230 -11.48 21.72 -7.67
CA ALA B 230 -11.44 20.28 -7.84
C ALA B 230 -11.77 19.54 -6.55
N LEU B 231 -12.28 18.32 -6.69
CA LEU B 231 -12.76 17.53 -5.56
C LEU B 231 -11.72 16.55 -5.05
N SER B 232 -10.60 16.47 -5.75
CA SER B 232 -9.43 15.77 -5.24
C SER B 232 -8.19 16.39 -5.81
N ASP B 233 -7.09 16.29 -5.07
CA ASP B 233 -5.82 16.92 -5.42
C ASP B 233 -5.97 18.34 -6.00
N ALA B 234 -6.78 19.15 -5.33
CA ALA B 234 -6.95 20.56 -5.73
C ALA B 234 -5.62 21.30 -5.76
N SER B 235 -4.70 20.97 -4.84
CA SER B 235 -3.46 21.73 -4.70
CA SER B 235 -3.47 21.75 -4.71
C SER B 235 -2.46 21.44 -5.81
N THR B 236 -2.68 20.36 -6.56
CA THR B 236 -1.60 20.04 -7.55
C THR B 236 -2.12 19.77 -8.95
N GLN B 237 -3.42 19.80 -9.19
CA GLN B 237 -3.79 19.63 -10.60
C GLN B 237 -3.39 20.88 -11.39
N LEU B 238 -2.90 20.69 -12.62
CA LEU B 238 -2.51 21.81 -13.45
CA LEU B 238 -2.52 21.81 -13.45
C LEU B 238 -3.71 22.51 -14.10
N PRO B 239 -3.76 23.85 -14.07
CA PRO B 239 -4.82 24.51 -14.84
C PRO B 239 -4.77 24.05 -16.29
N LEU B 240 -5.93 23.71 -16.85
CA LEU B 240 -6.02 23.24 -18.24
C LEU B 240 -5.31 24.17 -19.22
N SER B 241 -5.45 25.47 -19.00
CA SER B 241 -4.87 26.49 -19.89
C SER B 241 -3.33 26.42 -19.99
N GLN B 242 -2.66 25.84 -18.98
CA GLN B 242 -1.18 25.77 -18.96
C GLN B 242 -0.63 24.51 -19.63
N LEU B 243 -1.52 23.59 -19.99
CA LEU B 243 -1.05 22.31 -20.44
C LEU B 243 -0.22 22.40 -21.78
N GLU B 244 -0.73 23.14 -22.76
CA GLU B 244 -0.04 23.28 -24.04
C GLU B 244 1.40 23.76 -23.87
N GLY B 245 1.61 24.79 -23.04
CA GLY B 245 2.95 25.39 -22.91
C GLY B 245 3.93 24.39 -22.27
N ILE B 246 3.43 23.60 -21.32
CA ILE B 246 4.31 22.65 -20.63
C ILE B 246 4.66 21.52 -21.59
N ILE B 247 3.69 21.10 -22.41
CA ILE B 247 3.94 20.00 -23.36
C ILE B 247 5.00 20.48 -24.38
N GLU B 248 4.82 21.67 -24.91
CA GLU B 248 5.84 22.18 -25.86
C GLU B 248 7.23 22.26 -25.23
N ALA B 249 7.30 22.77 -24.01
CA ALA B 249 8.57 22.90 -23.29
C ALA B 249 9.22 21.54 -23.14
N ILE B 250 8.48 20.55 -22.71
CA ILE B 250 9.24 19.35 -22.38
CA ILE B 250 9.13 19.28 -22.45
C ILE B 250 9.57 18.63 -23.77
N LEU B 251 8.82 18.90 -24.86
CA LEU B 251 9.27 18.35 -26.17
C LEU B 251 10.57 18.99 -26.64
N GLU B 252 10.68 20.28 -26.46
CA GLU B 252 11.94 21.02 -26.79
C GLU B 252 13.13 20.50 -25.98
N ILE B 253 12.92 20.38 -24.67
CA ILE B 253 14.02 19.90 -23.80
C ILE B 253 14.40 18.47 -24.18
N ARG B 254 13.41 17.62 -24.36
CA ARG B 254 13.64 16.26 -24.80
C ARG B 254 14.40 16.21 -26.13
N GLU B 255 14.05 17.09 -27.06
CA GLU B 255 14.73 17.06 -28.36
C GLU B 255 16.26 17.22 -28.19
N VAL B 256 16.65 18.18 -27.34
CA VAL B 256 18.05 18.47 -27.13
C VAL B 256 18.72 17.42 -26.21
N ALA B 257 18.07 17.11 -25.07
CA ALA B 257 18.69 16.26 -24.07
C ALA B 257 18.86 14.81 -24.53
N SER B 258 17.99 14.40 -25.46
CA SER B 258 17.88 13.00 -25.82
C SER B 258 19.20 12.52 -26.49
N LYS B 259 20.02 13.46 -26.98
CA LYS B 259 21.36 13.13 -27.51
C LYS B 259 22.17 12.36 -26.46
N TYR B 260 21.90 12.70 -25.20
CA TYR B 260 22.71 12.24 -24.06
C TYR B 260 22.13 11.12 -23.22
N TYR B 261 20.92 10.68 -23.54
CA TYR B 261 20.29 9.58 -22.78
C TYR B 261 21.16 8.33 -22.86
N GLU B 262 21.48 7.72 -21.73
CA GLU B 262 22.37 6.59 -21.74
C GLU B 262 21.62 5.37 -22.22
N THR B 263 22.35 4.50 -22.91
CA THR B 263 21.78 3.26 -23.34
C THR B 263 21.68 2.33 -22.14
N ILE B 264 20.49 1.87 -21.82
CA ILE B 264 20.32 1.11 -20.58
C ILE B 264 20.17 -0.39 -20.93
CU CU C . 4.95 -12.05 8.79
P PO4 D . 8.81 -10.73 0.98
O1 PO4 D . 9.49 -9.47 0.59
O2 PO4 D . 9.75 -11.65 1.85
O3 PO4 D . 7.58 -10.29 1.99
O4 PO4 D . 8.20 -11.48 -0.13
C1 PEP E . 1.26 -9.86 8.45
O1 PEP E . 1.00 -11.01 8.08
O2' PEP E . 1.26 -9.48 9.65
C2 PEP E . 1.61 -8.80 7.40
C3 PEP E . 1.61 -8.99 6.01
O2 PEP E . 1.93 -7.64 7.99
P PEP E . 2.00 -6.24 7.16
O1P PEP E . 0.71 -5.84 6.38
O2P PEP E . 3.37 -6.24 6.24
O3P PEP E . 2.38 -5.20 8.42
CU CU F . -4.67 12.54 -8.58
P PO4 G . -6.16 12.89 0.24
O1 PO4 G . -5.52 12.17 -0.90
O2 PO4 G . -5.09 12.96 1.51
O3 PO4 G . -6.39 14.41 -0.31
O4 PO4 G . -7.49 12.30 0.68
C1 PEP H . -4.07 8.34 -9.37
O1 PEP H . -5.31 8.56 -9.48
O2' PEP H . -3.17 8.53 -10.23
C2 PEP H . -3.58 7.81 -8.02
C3 PEP H . -4.46 7.48 -7.03
O2 PEP H . -2.29 7.72 -7.99
P PEP H . -1.39 6.99 -6.80
O1P PEP H . -1.88 5.52 -6.64
O2P PEP H . -1.52 7.74 -5.37
O3P PEP H . 0.14 7.01 -7.37
#